data_3D0U
#
_entry.id   3D0U
#
_cell.length_a   119.823
_cell.length_b   119.823
_cell.length_c   58.744
_cell.angle_alpha   90.000
_cell.angle_beta   90.000
_cell.angle_gamma   120.000
#
_symmetry.space_group_name_H-M   'P 32'
#
loop_
_entity.id
_entity.type
_entity.pdbx_description
1 polymer 'Lysine Riboswitch RNA'
2 non-polymer 'IRIDIUM HEXAMMINE ION'
3 non-polymer LYSINE
4 water water
#
_entity_poly.entity_id   1
_entity_poly.type   'polyribonucleotide'
_entity_poly.pdbx_seq_one_letter_code
;GGACGGAGGCGCGCCCGAGAUGAGUAGGCUGUCCCAUCAGGGGAGGAAUCGGGGACGGCUGAAAGGCGAGGGCGCCGAAG
CGAGCAGAGUUCCUCCCGCUCUGCUUGGCUGGGGGUGAGGGGAAUACCCUUACCACUGUCGCGAAAGCGGAGAGCCGUCC
A
;
_entity_poly.pdbx_strand_id   A
#
loop_
_chem_comp.id
_chem_comp.type
_chem_comp.name
_chem_comp.formula
A RNA linking ADENOSINE-5'-MONOPHOSPHATE 'C10 H14 N5 O7 P'
C RNA linking CYTIDINE-5'-MONOPHOSPHATE 'C9 H14 N3 O8 P'
G RNA linking GUANOSINE-5'-MONOPHOSPHATE 'C10 H14 N5 O8 P'
IRI non-polymer 'IRIDIUM HEXAMMINE ION' 'H18 Ir N6 3'
U RNA linking URIDINE-5'-MONOPHOSPHATE 'C9 H13 N2 O9 P'
#
# COMPACT_ATOMS: atom_id res chain seq x y z
IR IRI B . -13.09 -8.47 5.80
N1 IRI B . -11.25 -7.82 4.66
N2 IRI B . -13.71 -6.33 5.93
N3 IRI B . -14.87 -9.27 6.93
N4 IRI B . -12.40 -10.61 5.57
N5 IRI B . -14.26 -8.61 3.89
N6 IRI B . -12.03 -8.25 7.77
IR IRI C . 2.99 2.15 -20.04
N1 IRI C . 3.98 2.57 -22.04
N2 IRI C . 2.28 4.26 -19.92
N3 IRI C . 2.07 1.62 -18.04
N4 IRI C . 3.77 0.02 -20.21
N5 IRI C . 1.11 1.53 -21.12
N6 IRI C . 4.83 2.73 -18.91
IR IRI D . 7.79 11.41 2.63
N1 IRI D . 6.30 13.07 2.24
N2 IRI D . 6.17 10.03 3.30
N3 IRI D . 9.38 9.82 2.94
N4 IRI D . 9.45 12.85 2.02
N5 IRI D . 7.55 10.78 0.48
N6 IRI D . 8.10 12.00 4.77
N LYS E . -0.48 -4.20 7.89
CA LYS E . 0.87 -4.47 7.42
C LYS E . 1.10 -5.98 7.25
O LYS E . 0.20 -6.76 7.52
CB LYS E . 1.91 -3.86 8.36
CG LYS E . 1.95 -2.34 8.32
CD LYS E . 2.99 -1.76 9.29
CE LYS E . 3.17 -0.26 9.10
NZ LYS E . 1.95 0.57 9.35
OXT LYS E . 2.17 -6.42 6.82
#